data_4BCR
#
_entry.id   4BCR
#
_cell.length_a   62.061
_cell.length_b   62.359
_cell.length_c   180.048
_cell.angle_alpha   90.00
_cell.angle_beta   90.00
_cell.angle_gamma   90.00
#
_symmetry.space_group_name_H-M   'P 21 21 21'
#
loop_
_entity.id
_entity.type
_entity.pdbx_description
1 polymer 'PEROXISOME PROLIFERATOR-ACTIVATED RECEPTOR ALPHA'
2 non-polymer 1,2-ETHANEDIOL
3 non-polymer '2-({4-CHLORO-6-[(2,3-DIMETHYLPHENYL)AMINO]PYRIMIDIN-2-YL}SULFANYL)ACETIC ACID'
4 water water
#
_entity_poly.entity_id   1
_entity_poly.type   'polypeptide(L)'
_entity_poly.pdbx_seq_one_letter_code
;IEDSETADLKSLAKRIYEAYLKNFNMNKVKARVILSGKASNNPPFVIHDMETLCMAEKTLVAKLVANGIQNKEAEVRIFH
CCQCTSVETVTELTEFAKAIPGFANLDLNDQVTLLKYGVYEAIFAMLSSVMNKDGMLVAYGNGFITREFLKSLRKPFCDI
MEPKFDFAMKFNALELDDSDISLFVAAIICCGDRPGLLNVGHIEKMQEGIVHVLRLHLQSNHPDDIFLFPKLLQKMADLR
QLVTEHAQLVQIIKKTESDAALHPLLQEIYRDMY
;
_entity_poly.pdbx_strand_id   A,B
#
loop_
_chem_comp.id
_chem_comp.type
_chem_comp.name
_chem_comp.formula
EDO non-polymer 1,2-ETHANEDIOL 'C2 H6 O2'
WY1 non-polymer '2-({4-CHLORO-6-[(2,3-DIMETHYLPHENYL)AMINO]PYRIMIDIN-2-YL}SULFANYL)ACETIC ACID' 'C14 H14 Cl N3 O2 S'
#
# COMPACT_ATOMS: atom_id res chain seq x y z
N LYS A 10 20.01 16.54 13.49
CA LYS A 10 20.43 17.52 12.50
C LYS A 10 20.79 16.86 11.17
N SER A 11 21.37 15.66 11.22
CA SER A 11 21.68 14.95 9.99
C SER A 11 20.37 14.51 9.30
N LEU A 12 19.50 13.90 10.08
CA LEU A 12 18.19 13.46 9.62
C LEU A 12 17.31 14.61 9.23
N ALA A 13 17.51 15.74 9.91
CA ALA A 13 16.66 16.88 9.68
C ALA A 13 16.82 17.36 8.26
N LYS A 14 18.06 17.41 7.80
CA LYS A 14 18.31 18.00 6.50
C LYS A 14 17.67 17.20 5.38
N ARG A 15 17.69 15.88 5.49
CA ARG A 15 17.09 15.05 4.47
C ARG A 15 15.56 15.15 4.45
N ILE A 16 14.97 15.42 5.59
CA ILE A 16 13.52 15.56 5.67
C ILE A 16 13.14 16.93 5.15
N TYR A 17 13.98 17.90 5.46
CA TYR A 17 13.80 19.22 4.90
C TYR A 17 14.04 19.16 3.40
N GLU A 18 14.88 18.24 2.92
CA GLU A 18 15.08 18.09 1.46
C GLU A 18 13.85 17.52 0.77
N ALA A 19 13.33 16.48 1.37
CA ALA A 19 12.17 15.75 0.86
C ALA A 19 10.99 16.66 0.88
N TYR A 20 10.98 17.60 1.82
CA TYR A 20 9.84 18.48 1.96
C TYR A 20 9.80 19.45 0.80
N LEU A 21 10.92 20.11 0.54
CA LEU A 21 11.01 21.08 -0.53
C LEU A 21 10.85 20.44 -1.89
N LYS A 22 11.41 19.25 -2.04
CA LYS A 22 11.35 18.57 -3.32
C LYS A 22 9.92 18.17 -3.68
N ASN A 23 9.13 17.82 -2.67
CA ASN A 23 7.85 17.18 -2.95
C ASN A 23 6.57 17.99 -2.82
N PHE A 24 6.68 19.24 -2.40
CA PHE A 24 5.49 20.07 -2.27
C PHE A 24 5.60 21.30 -3.15
N ASN A 25 4.61 21.44 -4.03
CA ASN A 25 4.59 22.54 -4.98
C ASN A 25 4.44 23.91 -4.29
N MET A 26 3.79 23.94 -3.14
CA MET A 26 3.62 25.17 -2.38
C MET A 26 4.35 25.06 -1.05
N ASN A 27 4.92 26.16 -0.58
CA ASN A 27 5.56 26.20 0.73
C ASN A 27 5.41 27.58 1.37
N LYS A 28 5.81 27.73 2.62
CA LYS A 28 5.54 28.98 3.33
C LYS A 28 6.24 30.15 2.66
N VAL A 29 7.43 29.93 2.11
CA VAL A 29 8.13 31.04 1.44
C VAL A 29 7.42 31.48 0.16
N LYS A 30 6.99 30.51 -0.64
CA LYS A 30 6.25 30.78 -1.88
C LYS A 30 4.92 31.42 -1.59
N ALA A 31 4.32 31.02 -0.49
CA ALA A 31 2.97 31.44 -0.15
C ALA A 31 2.96 32.83 0.39
N ARG A 32 3.93 33.17 1.22
CA ARG A 32 4.05 34.53 1.72
C ARG A 32 4.43 35.48 0.60
N VAL A 33 5.13 34.96 -0.41
CA VAL A 33 5.52 35.79 -1.54
C VAL A 33 4.28 36.30 -2.22
N ILE A 34 3.25 35.47 -2.25
CA ILE A 34 2.02 35.86 -2.88
C ILE A 34 1.11 36.59 -1.91
N LEU A 35 1.00 36.08 -0.69
CA LEU A 35 0.11 36.72 0.25
C LEU A 35 0.62 38.07 0.66
N SER A 36 1.94 38.21 0.79
CA SER A 36 2.53 39.50 1.18
C SER A 36 2.44 40.60 0.14
N GLY A 37 2.41 40.23 -1.14
CA GLY A 37 2.47 41.22 -2.20
C GLY A 37 2.88 40.63 -3.55
N LYS A 38 3.35 41.48 -4.46
CA LYS A 38 3.75 41.01 -5.79
C LYS A 38 4.93 40.04 -5.66
N ALA A 39 4.95 38.90 -6.38
CA ALA A 39 3.91 38.36 -7.32
C ALA A 39 3.50 39.19 -8.50
N SER A 40 4.45 39.94 -9.07
CA SER A 40 4.14 40.89 -10.12
C SER A 40 3.59 40.29 -11.40
N ASN A 41 3.95 39.04 -11.71
CA ASN A 41 3.46 38.35 -12.89
C ASN A 41 2.44 37.34 -12.45
N ASN A 42 1.37 37.20 -13.22
CA ASN A 42 0.26 36.30 -12.88
C ASN A 42 -0.22 36.37 -11.41
N PRO A 43 -0.70 37.55 -10.99
CA PRO A 43 -1.18 37.85 -9.64
C PRO A 43 -2.42 37.02 -9.33
N PRO A 44 -2.60 36.67 -8.05
CA PRO A 44 -3.77 35.83 -7.78
C PRO A 44 -5.05 36.49 -8.16
N PHE A 45 -5.98 35.76 -8.77
CA PHE A 45 -7.33 36.26 -8.96
C PHE A 45 -7.92 36.33 -7.57
N VAL A 46 -8.62 37.39 -7.22
CA VAL A 46 -9.29 37.42 -5.92
C VAL A 46 -10.76 37.01 -6.08
N ILE A 47 -11.22 36.09 -5.24
CA ILE A 47 -12.59 35.55 -5.31
C ILE A 47 -13.44 35.90 -4.08
N HIS A 48 -14.38 36.84 -4.24
CA HIS A 48 -15.24 37.24 -3.11
C HIS A 48 -16.73 37.03 -3.33
N ASP A 49 -17.13 36.65 -4.53
CA ASP A 49 -18.55 36.49 -4.82
C ASP A 49 -18.70 35.62 -6.04
N MET A 50 -19.94 35.32 -6.41
CA MET A 50 -20.19 34.44 -7.53
C MET A 50 -19.64 34.98 -8.83
N GLU A 51 -19.60 36.30 -8.98
CA GLU A 51 -19.09 36.91 -10.20
C GLU A 51 -17.60 36.65 -10.45
N THR A 52 -16.78 36.91 -9.43
CA THR A 52 -15.36 36.65 -9.50
C THR A 52 -15.04 35.17 -9.45
N LEU A 53 -15.92 34.41 -8.81
CA LEU A 53 -15.82 32.98 -8.82
C LEU A 53 -15.98 32.54 -10.26
N CYS A 54 -16.96 33.13 -10.94
CA CYS A 54 -17.21 32.83 -12.33
C CYS A 54 -16.09 33.29 -13.24
N MET A 55 -15.45 34.39 -12.88
CA MET A 55 -14.36 34.89 -13.69
C MET A 55 -13.15 33.97 -13.64
N ALA A 56 -12.86 33.48 -12.45
CA ALA A 56 -11.72 32.62 -12.23
C ALA A 56 -11.84 31.26 -12.92
N GLU A 57 -13.04 30.69 -12.91
CA GLU A 57 -13.23 29.41 -13.56
C GLU A 57 -13.02 29.54 -15.05
N LYS A 58 -13.39 30.68 -15.60
CA LYS A 58 -13.29 30.92 -17.03
C LYS A 58 -11.82 30.88 -17.44
N THR A 59 -10.97 31.33 -16.53
CA THR A 59 -9.57 31.52 -16.84
C THR A 59 -8.86 30.22 -16.59
N LEU A 60 -9.09 29.68 -15.40
CA LEU A 60 -8.34 28.52 -14.97
C LEU A 60 -8.80 27.16 -15.52
N VAL A 61 -10.04 26.77 -15.20
CA VAL A 61 -10.52 25.44 -15.57
C VAL A 61 -11.45 25.49 -16.75
N ALA A 62 -10.95 26.00 -17.86
CA ALA A 62 -11.82 26.35 -18.97
C ALA A 62 -12.57 25.14 -19.50
N LYS A 63 -11.97 23.97 -19.40
CA LYS A 63 -12.62 22.77 -19.87
C LYS A 63 -13.89 22.50 -19.08
N LEU A 64 -13.86 22.82 -17.79
CA LEU A 64 -15.03 22.56 -16.95
C LEU A 64 -16.14 23.51 -17.27
N VAL A 65 -15.78 24.77 -17.50
CA VAL A 65 -16.78 25.80 -17.71
C VAL A 65 -17.56 25.52 -18.98
N ALA A 66 -16.86 25.00 -19.99
CA ALA A 66 -17.48 24.63 -21.25
C ALA A 66 -18.41 23.45 -20.99
N ASN A 67 -18.12 22.71 -19.93
CA ASN A 67 -18.86 21.51 -19.59
C ASN A 67 -20.15 21.86 -18.84
N GLY A 68 -20.34 23.15 -18.56
CA GLY A 68 -21.59 23.61 -17.98
C GLY A 68 -21.63 23.71 -16.47
N ILE A 69 -20.47 23.72 -15.83
CA ILE A 69 -20.39 23.68 -14.36
C ILE A 69 -21.01 24.91 -13.69
N GLN A 70 -21.09 26.03 -14.40
CA GLN A 70 -21.59 27.26 -13.79
C GLN A 70 -23.12 27.22 -13.59
N ASN A 71 -23.77 26.22 -14.18
CA ASN A 71 -25.15 25.88 -13.83
C ASN A 71 -25.33 25.28 -12.42
N LYS A 72 -24.28 24.65 -11.88
CA LYS A 72 -24.30 24.13 -10.50
C LYS A 72 -24.12 25.26 -9.48
N GLU A 73 -24.60 25.07 -8.26
CA GLU A 73 -24.39 26.07 -7.20
C GLU A 73 -22.93 26.14 -6.81
N ALA A 74 -22.50 27.31 -6.35
CA ALA A 74 -21.12 27.54 -5.97
C ALA A 74 -20.64 26.66 -4.83
N GLU A 75 -21.57 26.25 -3.95
CA GLU A 75 -21.18 25.43 -2.81
C GLU A 75 -20.63 24.13 -3.30
N VAL A 76 -21.22 23.61 -4.36
CA VAL A 76 -20.76 22.32 -4.85
C VAL A 76 -19.45 22.47 -5.64
N ARG A 77 -19.34 23.48 -6.51
CA ARG A 77 -18.09 23.66 -7.22
C ARG A 77 -16.92 24.01 -6.31
N ILE A 78 -17.17 24.78 -5.26
CA ILE A 78 -16.09 25.04 -4.31
C ILE A 78 -15.69 23.78 -3.58
N PHE A 79 -16.66 22.91 -3.32
CA PHE A 79 -16.39 21.65 -2.63
C PHE A 79 -15.60 20.67 -3.48
N HIS A 80 -15.98 20.52 -4.74
CA HIS A 80 -15.23 19.69 -5.68
C HIS A 80 -13.85 20.26 -5.95
N CYS A 81 -13.71 21.58 -5.87
CA CYS A 81 -12.39 22.17 -5.98
C CYS A 81 -11.51 21.78 -4.79
N CYS A 82 -12.14 21.62 -3.63
CA CYS A 82 -11.38 21.33 -2.45
C CYS A 82 -10.86 19.91 -2.52
N GLN A 83 -11.69 19.00 -3.01
CA GLN A 83 -11.31 17.61 -3.06
C GLN A 83 -10.12 17.40 -3.97
N CYS A 84 -10.08 18.14 -5.06
CA CYS A 84 -9.03 17.97 -6.06
C CYS A 84 -7.70 18.34 -5.54
N THR A 85 -7.70 19.32 -4.64
CA THR A 85 -6.48 19.77 -4.01
C THR A 85 -6.12 18.82 -2.90
N SER A 86 -7.12 18.28 -2.22
CA SER A 86 -6.83 17.32 -1.19
C SER A 86 -6.18 16.13 -1.85
N VAL A 87 -6.67 15.78 -3.03
CA VAL A 87 -6.09 14.68 -3.76
C VAL A 87 -4.69 15.00 -4.27
N GLU A 88 -4.42 16.26 -4.59
CA GLU A 88 -3.09 16.57 -5.09
C GLU A 88 -2.13 16.38 -3.94
N THR A 89 -2.51 16.94 -2.79
CA THR A 89 -1.66 16.91 -1.62
C THR A 89 -1.45 15.53 -1.06
N VAL A 90 -2.47 14.67 -1.13
CA VAL A 90 -2.29 13.33 -0.60
C VAL A 90 -1.25 12.58 -1.43
N THR A 91 -1.22 12.84 -2.72
CA THR A 91 -0.21 12.27 -3.58
C THR A 91 1.17 12.78 -3.20
N GLU A 92 1.30 14.09 -2.99
CA GLU A 92 2.57 14.68 -2.57
C GLU A 92 3.01 14.23 -1.18
N LEU A 93 2.04 14.03 -0.30
CA LEU A 93 2.30 13.53 1.06
C LEU A 93 2.82 12.09 1.05
N THR A 94 2.38 11.32 0.04
CA THR A 94 2.85 9.95 -0.15
C THR A 94 4.29 9.90 -0.60
N GLU A 95 4.61 10.68 -1.61
CA GLU A 95 5.95 10.73 -2.14
C GLU A 95 6.95 11.31 -1.15
N PHE A 96 6.45 12.21 -0.31
CA PHE A 96 7.23 12.79 0.79
C PHE A 96 7.53 11.78 1.86
N ALA A 97 6.56 10.90 2.16
CA ALA A 97 6.76 9.91 3.21
C ALA A 97 7.79 8.87 2.82
N LYS A 98 7.78 8.51 1.53
CA LYS A 98 8.70 7.50 1.00
C LYS A 98 10.14 7.99 1.14
N ALA A 99 10.31 9.31 1.14
CA ALA A 99 11.62 9.94 1.34
C ALA A 99 12.06 10.15 2.82
N ILE A 100 11.16 9.92 3.78
CA ILE A 100 11.54 9.85 5.20
C ILE A 100 12.25 8.52 5.53
N PRO A 101 13.43 8.58 6.17
CA PRO A 101 14.16 7.31 6.38
C PRO A 101 13.43 6.27 7.21
N GLY A 102 13.53 5.02 6.76
CA GLY A 102 12.91 3.88 7.39
C GLY A 102 11.46 3.68 7.00
N PHE A 103 10.90 4.60 6.21
CA PHE A 103 9.49 4.49 5.91
C PHE A 103 9.25 3.45 4.87
N ALA A 104 10.10 3.42 3.86
CA ALA A 104 9.97 2.43 2.81
C ALA A 104 10.18 1.01 3.32
N ASN A 105 10.95 0.89 4.40
CA ASN A 105 11.29 -0.41 5.00
C ASN A 105 10.18 -0.99 5.86
N LEU A 106 9.19 -0.17 6.16
CA LEU A 106 8.01 -0.62 6.87
C LEU A 106 7.26 -1.59 5.95
N ASP A 107 6.52 -2.51 6.57
CA ASP A 107 5.64 -3.40 5.84
C ASP A 107 4.64 -2.55 5.08
N LEU A 108 4.27 -2.96 3.88
CA LEU A 108 3.44 -2.12 3.04
C LEU A 108 2.10 -1.81 3.64
N ASN A 109 1.52 -2.75 4.37
CA ASN A 109 0.30 -2.44 5.07
C ASN A 109 0.58 -1.41 6.17
N ASP A 110 1.82 -1.38 6.69
CA ASP A 110 2.20 -0.37 7.67
C ASP A 110 2.34 0.97 7.00
N GLN A 111 2.85 0.97 5.78
CA GLN A 111 2.95 2.21 5.04
C GLN A 111 1.58 2.75 4.69
N VAL A 112 0.71 1.87 4.25
CA VAL A 112 -0.62 2.30 3.84
C VAL A 112 -1.40 2.86 5.03
N THR A 113 -1.17 2.30 6.20
CA THR A 113 -1.92 2.70 7.36
C THR A 113 -1.51 4.06 7.94
N LEU A 114 -0.22 4.35 7.96
CA LEU A 114 0.29 5.58 8.52
C LEU A 114 -0.19 6.77 7.72
N LEU A 115 -0.34 6.57 6.42
CA LEU A 115 -0.82 7.60 5.50
C LEU A 115 -2.33 7.77 5.54
N LYS A 116 -3.08 6.71 5.82
CA LYS A 116 -4.52 6.85 5.89
C LYS A 116 -4.91 7.79 7.01
N TYR A 117 -4.16 7.76 8.10
CA TYR A 117 -4.50 8.53 9.29
C TYR A 117 -3.75 9.84 9.45
N GLY A 118 -2.55 9.94 8.87
CA GLY A 118 -1.79 11.16 9.01
C GLY A 118 -2.01 12.24 7.97
N VAL A 119 -2.60 11.91 6.82
CA VAL A 119 -2.69 12.90 5.74
C VAL A 119 -3.60 14.09 5.99
N TYR A 120 -4.78 13.88 6.53
CA TYR A 120 -5.61 15.04 6.80
C TYR A 120 -5.03 15.88 7.91
N GLU A 121 -4.30 15.24 8.82
CA GLU A 121 -3.63 16.03 9.82
C GLU A 121 -2.53 16.85 9.15
N ALA A 122 -1.76 16.21 8.28
CA ALA A 122 -0.72 16.93 7.56
C ALA A 122 -1.27 17.98 6.58
N ILE A 123 -2.42 17.69 6.00
CA ILE A 123 -3.01 18.63 5.06
C ILE A 123 -3.41 19.91 5.78
N PHE A 124 -4.05 19.74 6.92
CA PHE A 124 -4.53 20.88 7.67
C PHE A 124 -3.45 21.70 8.29
N ALA A 125 -2.35 21.06 8.64
CA ALA A 125 -1.21 21.80 9.14
C ALA A 125 -0.58 22.65 8.04
N MET A 126 -0.43 22.06 6.86
CA MET A 126 0.17 22.75 5.71
C MET A 126 -0.73 23.79 5.03
N LEU A 127 -2.02 23.66 5.25
CA LEU A 127 -3.02 24.59 4.74
C LEU A 127 -2.81 25.94 5.40
N SER A 128 -2.33 25.91 6.64
CA SER A 128 -2.11 27.13 7.42
C SER A 128 -1.13 28.07 6.78
N SER A 129 -0.18 27.48 6.06
CA SER A 129 0.86 28.23 5.38
C SER A 129 0.33 29.08 4.25
N VAL A 130 -0.82 28.71 3.69
CA VAL A 130 -1.40 29.43 2.57
C VAL A 130 -2.62 30.28 2.96
N MET A 131 -2.76 30.53 4.26
CA MET A 131 -3.86 31.33 4.81
C MET A 131 -3.37 32.58 5.50
N ASN A 132 -4.16 33.63 5.42
CA ASN A 132 -4.08 34.71 6.40
C ASN A 132 -5.48 34.93 6.92
N LYS A 133 -5.64 35.91 7.80
CA LYS A 133 -6.93 36.08 8.44
C LYS A 133 -8.00 36.41 7.40
N ASP A 134 -7.62 36.95 6.25
CA ASP A 134 -8.59 37.37 5.24
C ASP A 134 -8.94 36.27 4.23
N GLY A 135 -8.06 35.29 4.05
CA GLY A 135 -8.33 34.27 3.04
C GLY A 135 -7.25 33.23 2.76
N MET A 136 -7.49 32.39 1.75
CA MET A 136 -6.52 31.35 1.43
C MET A 136 -6.27 31.17 -0.09
N LEU A 137 -5.02 30.85 -0.44
CA LEU A 137 -4.63 30.55 -1.82
C LEU A 137 -5.10 29.22 -2.39
N VAL A 138 -5.42 29.23 -3.68
CA VAL A 138 -5.94 28.06 -4.37
C VAL A 138 -5.44 28.14 -5.79
N ALA A 139 -5.65 27.08 -6.56
CA ALA A 139 -5.24 27.04 -7.96
C ALA A 139 -3.76 27.33 -8.12
N TYR A 140 -2.95 26.68 -7.29
CA TYR A 140 -1.50 26.76 -7.38
C TYR A 140 -1.01 28.21 -7.31
N GLY A 141 -1.66 29.00 -6.47
CA GLY A 141 -1.34 30.41 -6.22
C GLY A 141 -1.96 31.47 -7.11
N ASN A 142 -2.76 31.05 -8.08
CA ASN A 142 -3.44 31.98 -8.98
C ASN A 142 -4.85 32.34 -8.55
N GLY A 143 -5.28 31.80 -7.42
CA GLY A 143 -6.56 32.16 -6.84
C GLY A 143 -6.47 32.48 -5.36
N PHE A 144 -7.26 33.44 -4.91
CA PHE A 144 -7.37 33.77 -3.49
C PHE A 144 -8.83 33.85 -3.11
N ILE A 145 -9.35 32.83 -2.44
CA ILE A 145 -10.72 32.93 -2.01
C ILE A 145 -10.87 33.37 -0.54
N THR A 146 -11.69 34.40 -0.33
CA THR A 146 -11.86 35.03 0.98
C THR A 146 -12.66 34.20 1.96
N ARG A 147 -12.28 34.33 3.22
CA ARG A 147 -12.93 33.68 4.34
C ARG A 147 -14.39 34.08 4.46
N GLU A 148 -14.68 35.32 4.11
CA GLU A 148 -16.03 35.82 4.25
C GLU A 148 -16.93 35.32 3.15
N PHE A 149 -16.41 35.21 1.94
CA PHE A 149 -17.22 34.64 0.89
C PHE A 149 -17.49 33.22 1.30
N LEU A 150 -16.50 32.63 1.93
CA LEU A 150 -16.66 31.27 2.37
C LEU A 150 -17.74 31.11 3.47
N LYS A 151 -17.83 32.08 4.37
CA LYS A 151 -18.92 32.10 5.35
C LYS A 151 -20.29 32.44 4.75
N SER A 152 -20.28 33.16 3.63
CA SER A 152 -21.48 33.57 2.92
C SER A 152 -22.24 32.38 2.37
N LEU A 153 -21.53 31.30 2.10
CA LEU A 153 -22.08 30.10 1.49
C LEU A 153 -23.12 29.42 2.38
N ARG A 154 -24.03 28.68 1.76
CA ARG A 154 -25.05 27.93 2.50
C ARG A 154 -24.49 26.77 3.34
N LYS A 155 -25.19 26.42 4.41
CA LYS A 155 -24.88 25.21 5.18
C LYS A 155 -25.19 23.98 4.35
N PRO A 156 -24.41 22.90 4.56
CA PRO A 156 -23.32 22.78 5.53
C PRO A 156 -21.96 23.28 5.00
N PHE A 157 -21.98 23.79 3.79
CA PHE A 157 -20.76 24.15 3.09
C PHE A 157 -19.96 25.28 3.72
N CYS A 158 -20.63 26.19 4.41
CA CYS A 158 -19.91 27.26 5.07
C CYS A 158 -19.04 26.75 6.22
N ASP A 159 -19.40 25.59 6.76
CA ASP A 159 -18.80 25.06 7.97
C ASP A 159 -17.46 24.36 7.78
N ILE A 160 -17.05 24.17 6.54
CA ILE A 160 -15.86 23.38 6.27
C ILE A 160 -14.59 24.14 6.58
N MET A 161 -14.47 25.37 6.09
CA MET A 161 -13.19 26.03 6.19
C MET A 161 -12.88 26.79 7.47
N GLU A 162 -13.91 27.24 8.17
CA GLU A 162 -13.71 28.04 9.38
C GLU A 162 -12.89 27.39 10.48
N PRO A 163 -13.16 26.12 10.81
CA PRO A 163 -12.30 25.52 11.83
C PRO A 163 -10.82 25.54 11.44
N LYS A 164 -10.54 25.41 10.16
CA LYS A 164 -9.17 25.39 9.68
C LYS A 164 -8.53 26.76 9.62
N PHE A 165 -9.33 27.79 9.31
CA PHE A 165 -8.85 29.17 9.40
C PHE A 165 -8.55 29.47 10.85
N ASP A 166 -9.35 28.88 11.73
CA ASP A 166 -9.24 29.15 13.14
C ASP A 166 -7.89 28.68 13.69
N PHE A 167 -7.52 27.47 13.29
CA PHE A 167 -6.25 26.85 13.61
C PHE A 167 -5.07 27.57 12.98
N ALA A 168 -5.25 28.01 11.73
CA ALA A 168 -4.15 28.56 10.94
C ALA A 168 -3.60 29.79 11.57
N MET A 169 -4.47 30.58 12.17
CA MET A 169 -4.03 31.85 12.75
C MET A 169 -3.29 31.60 14.06
N LYS A 170 -3.81 30.65 14.83
CA LYS A 170 -3.14 30.24 16.04
C LYS A 170 -1.82 29.55 15.71
N PHE A 171 -1.80 28.89 14.57
CA PHE A 171 -0.64 28.17 14.11
C PHE A 171 0.45 29.03 13.44
N ASN A 172 0.02 29.94 12.58
CA ASN A 172 0.92 30.83 11.86
C ASN A 172 1.62 31.78 12.79
N ALA A 173 0.96 31.98 13.93
CA ALA A 173 1.43 32.82 15.01
C ALA A 173 2.63 32.25 15.72
N LEU A 174 2.82 30.94 15.63
CA LEU A 174 3.99 30.31 16.20
C LEU A 174 5.25 30.64 15.40
N GLU A 175 5.03 31.13 14.17
CA GLU A 175 6.11 31.61 13.31
C GLU A 175 7.14 30.55 12.97
N LEU A 176 6.65 29.37 12.60
CA LEU A 176 7.52 28.31 12.11
C LEU A 176 8.06 28.61 10.72
N ASP A 177 9.27 28.18 10.42
CA ASP A 177 9.72 28.16 9.05
C ASP A 177 9.48 26.78 8.44
N ASP A 178 9.64 26.63 7.14
CA ASP A 178 9.38 25.33 6.54
C ASP A 178 10.26 24.22 7.06
N SER A 179 11.47 24.55 7.50
CA SER A 179 12.37 23.55 8.06
C SER A 179 11.74 22.97 9.30
N ASP A 180 11.00 23.79 10.02
CA ASP A 180 10.28 23.35 11.19
C ASP A 180 9.16 22.47 10.73
N ILE A 181 8.43 22.94 9.72
CA ILE A 181 7.22 22.28 9.29
C ILE A 181 7.50 20.90 8.71
N SER A 182 8.64 20.74 8.05
CA SER A 182 8.95 19.44 7.46
C SER A 182 9.15 18.31 8.45
N LEU A 183 9.81 18.62 9.56
CA LEU A 183 9.96 17.68 10.68
C LEU A 183 8.63 17.41 11.39
N PHE A 184 7.80 18.46 11.41
CA PHE A 184 6.52 18.41 12.09
C PHE A 184 5.59 17.53 11.29
N VAL A 185 5.58 17.71 9.97
CA VAL A 185 4.76 16.85 9.13
C VAL A 185 5.22 15.36 9.14
N ALA A 186 6.53 15.11 9.21
CA ALA A 186 7.02 13.74 9.28
C ALA A 186 6.62 13.08 10.57
N ALA A 187 6.63 13.84 11.66
CA ALA A 187 6.29 13.28 12.94
C ALA A 187 4.82 12.87 13.03
N ILE A 188 3.97 13.60 12.33
CA ILE A 188 2.56 13.31 12.33
C ILE A 188 2.34 12.00 11.66
N ILE A 189 3.17 11.76 10.67
CA ILE A 189 2.96 10.61 9.83
C ILE A 189 3.42 9.36 10.52
N CYS A 190 4.60 9.43 11.13
CA CYS A 190 5.13 8.30 11.85
C CYS A 190 4.62 8.35 13.25
N CYS A 191 3.34 8.12 13.45
CA CYS A 191 2.83 7.91 14.80
C CYS A 191 2.58 6.42 14.92
N GLY A 192 3.08 5.83 16.01
CA GLY A 192 2.93 4.40 16.27
C GLY A 192 1.64 3.99 16.95
N ASP A 193 0.83 4.96 17.34
CA ASP A 193 -0.43 4.72 18.03
C ASP A 193 -1.53 4.35 17.04
N ARG A 194 -1.21 4.43 15.75
CA ARG A 194 -2.20 4.18 14.70
C ARG A 194 -2.72 2.73 14.76
N PRO A 195 -4.04 2.57 14.60
CA PRO A 195 -4.72 1.26 14.59
C PRO A 195 -4.31 0.32 13.43
N GLY A 196 -4.22 -0.98 13.68
CA GLY A 196 -3.98 -1.95 12.63
C GLY A 196 -2.54 -2.10 12.13
N LEU A 197 -1.56 -1.53 12.84
CA LEU A 197 -0.15 -1.69 12.48
C LEU A 197 0.39 -3.09 12.73
N LEU A 198 1.22 -3.61 11.83
CA LEU A 198 1.81 -4.94 12.05
C LEU A 198 3.13 -4.90 12.84
N ASN A 199 3.96 -3.89 12.57
CA ASN A 199 5.27 -3.80 13.21
C ASN A 199 5.38 -2.49 13.94
N VAL A 200 4.72 -2.43 15.09
CA VAL A 200 4.65 -1.23 15.92
C VAL A 200 5.99 -0.78 16.49
N GLY A 201 6.88 -1.71 16.80
CA GLY A 201 8.14 -1.33 17.39
C GLY A 201 9.03 -0.64 16.38
N HIS A 202 9.00 -1.11 15.14
CA HIS A 202 9.84 -0.53 14.11
C HIS A 202 9.41 0.89 13.89
N ILE A 203 8.10 1.10 14.02
CA ILE A 203 7.49 2.38 13.73
C ILE A 203 7.59 3.37 14.87
N GLU A 204 7.40 2.89 16.09
CA GLU A 204 7.58 3.72 17.28
CA GLU A 204 7.57 3.75 17.25
C GLU A 204 9.03 4.17 17.36
N LYS A 205 9.91 3.30 16.87
CA LYS A 205 11.33 3.54 16.84
C LYS A 205 11.63 4.67 15.90
N MET A 206 10.81 4.80 14.87
CA MET A 206 10.97 5.91 13.96
C MET A 206 10.50 7.22 14.57
N GLN A 207 9.34 7.21 15.24
CA GLN A 207 8.83 8.45 15.78
C GLN A 207 9.77 8.97 16.82
N GLU A 208 10.45 8.06 17.52
CA GLU A 208 11.36 8.49 18.56
C GLU A 208 12.49 9.30 17.97
N GLY A 209 12.89 8.97 16.75
CA GLY A 209 13.99 9.67 16.11
C GLY A 209 13.66 11.05 15.60
N ILE A 210 12.52 11.18 14.94
CA ILE A 210 12.13 12.45 14.33
C ILE A 210 11.93 13.50 15.40
N VAL A 211 11.26 13.08 16.45
CA VAL A 211 10.94 13.95 17.56
C VAL A 211 12.20 14.42 18.29
N HIS A 212 13.26 13.64 18.25
CA HIS A 212 14.48 14.12 18.87
C HIS A 212 15.09 15.22 18.04
N VAL A 213 15.15 15.03 16.73
CA VAL A 213 15.73 16.05 15.86
C VAL A 213 14.88 17.30 15.83
N LEU A 214 13.58 17.11 15.98
CA LEU A 214 12.63 18.20 16.03
C LEU A 214 12.80 19.00 17.31
N ARG A 215 12.97 18.30 18.41
CA ARG A 215 13.18 18.95 19.69
CA ARG A 215 13.18 18.95 19.69
C ARG A 215 14.47 19.75 19.64
N LEU A 216 15.41 19.25 18.84
CA LEU A 216 16.73 19.84 18.68
C LEU A 216 16.76 20.98 17.68
N HIS A 217 16.03 20.83 16.58
CA HIS A 217 15.98 21.88 15.60
C HIS A 217 15.28 23.11 16.18
N LEU A 218 14.18 22.92 16.91
CA LEU A 218 13.44 24.05 17.47
C LEU A 218 14.27 24.80 18.47
N GLN A 219 15.11 24.04 19.15
CA GLN A 219 15.99 24.60 20.16
C GLN A 219 17.00 25.50 19.53
N SER A 220 17.41 25.15 18.31
CA SER A 220 18.37 25.98 17.57
C SER A 220 17.66 27.04 16.74
N ASN A 221 16.58 26.64 16.09
CA ASN A 221 15.85 27.56 15.23
C ASN A 221 15.17 28.68 16.03
N HIS A 222 14.65 28.34 17.20
CA HIS A 222 13.96 29.34 18.01
C HIS A 222 14.40 29.26 19.43
N PRO A 223 15.66 29.66 19.70
CA PRO A 223 16.26 29.58 21.03
C PRO A 223 15.45 30.38 22.05
N ASP A 224 14.86 31.47 21.58
CA ASP A 224 14.01 32.32 22.42
C ASP A 224 12.70 31.68 22.88
N ASP A 225 12.10 30.85 22.04
CA ASP A 225 10.83 30.23 22.39
C ASP A 225 11.01 28.91 23.11
N ILE A 226 11.11 28.98 24.43
CA ILE A 226 11.38 27.81 25.26
C ILE A 226 10.28 26.76 25.24
N PHE A 227 9.04 27.23 25.15
CA PHE A 227 7.87 26.37 25.33
C PHE A 227 7.35 25.86 24.01
N LEU A 228 8.09 26.13 22.95
CA LEU A 228 7.62 25.83 21.62
C LEU A 228 7.37 24.33 21.40
N PHE A 229 8.28 23.49 21.83
CA PHE A 229 8.12 22.04 21.63
C PHE A 229 6.91 21.39 22.28
N PRO A 230 6.68 21.61 23.59
CA PRO A 230 5.44 21.09 24.16
C PRO A 230 4.20 21.64 23.49
N LYS A 231 4.28 22.88 23.03
CA LYS A 231 3.14 23.54 22.38
C LYS A 231 2.78 22.88 21.06
N LEU A 232 3.79 22.45 20.33
CA LEU A 232 3.64 21.70 19.10
C LEU A 232 3.02 20.31 19.23
N LEU A 233 3.33 19.62 20.32
CA LEU A 233 2.76 18.31 20.57
C LEU A 233 1.26 18.37 20.79
N GLN A 234 0.84 19.45 21.42
CA GLN A 234 -0.55 19.74 21.61
C GLN A 234 -1.20 20.03 20.27
N LYS A 235 -0.44 20.62 19.35
CA LYS A 235 -0.99 20.96 18.06
C LYS A 235 -1.38 19.72 17.32
N MET A 236 -0.64 18.64 17.59
CA MET A 236 -0.91 17.33 16.99
C MET A 236 -2.21 16.72 17.46
N ALA A 237 -2.60 17.03 18.68
CA ALA A 237 -3.80 16.44 19.25
C ALA A 237 -5.02 17.12 18.72
N ASP A 238 -4.92 18.42 18.53
CA ASP A 238 -6.02 19.22 18.04
C ASP A 238 -6.40 18.83 16.64
N LEU A 239 -5.39 18.52 15.85
CA LEU A 239 -5.62 18.12 14.48
C LEU A 239 -6.38 16.81 14.45
N ARG A 240 -6.14 15.92 15.41
CA ARG A 240 -6.86 14.67 15.41
C ARG A 240 -8.30 14.96 15.66
N GLN A 241 -8.56 15.80 16.65
CA GLN A 241 -9.93 16.14 16.92
C GLN A 241 -10.46 16.92 15.74
N LEU A 242 -9.61 17.75 15.13
CA LEU A 242 -10.07 18.58 14.04
C LEU A 242 -10.43 17.67 12.89
N VAL A 243 -9.57 16.71 12.64
CA VAL A 243 -9.81 15.73 11.60
C VAL A 243 -11.04 14.87 11.95
N THR A 244 -11.26 14.61 13.24
CA THR A 244 -12.38 13.76 13.61
C THR A 244 -13.67 14.52 13.37
N GLU A 245 -13.70 15.76 13.82
CA GLU A 245 -14.88 16.60 13.61
C GLU A 245 -15.05 16.85 12.13
N HIS A 246 -13.94 16.94 11.42
CA HIS A 246 -14.01 17.18 10.00
C HIS A 246 -14.61 16.00 9.29
N ALA A 247 -14.29 14.81 9.76
CA ALA A 247 -14.82 13.64 9.11
C ALA A 247 -16.31 13.60 9.33
N GLN A 248 -16.76 14.06 10.49
CA GLN A 248 -18.16 13.96 10.84
C GLN A 248 -18.98 14.80 9.88
N LEU A 249 -18.36 15.91 9.45
CA LEU A 249 -19.03 16.86 8.57
C LEU A 249 -19.11 16.37 7.14
N VAL A 250 -18.06 15.73 6.66
CA VAL A 250 -18.10 15.15 5.32
C VAL A 250 -19.07 13.97 5.22
N GLN A 251 -19.25 13.21 6.30
CA GLN A 251 -20.24 12.14 6.29
C GLN A 251 -21.66 12.71 6.20
N ILE A 252 -21.87 13.85 6.85
CA ILE A 252 -23.18 14.45 6.82
C ILE A 252 -23.48 14.95 5.41
N ILE A 253 -22.48 15.54 4.76
CA ILE A 253 -22.59 16.02 3.37
C ILE A 253 -22.76 14.91 2.32
N LYS A 254 -22.12 13.76 2.53
CA LYS A 254 -22.19 12.67 1.56
C LYS A 254 -23.59 12.08 1.50
N LYS A 255 -24.14 11.78 2.67
CA LYS A 255 -25.50 11.29 2.76
C LYS A 255 -26.51 12.36 2.35
N THR A 256 -26.17 13.62 2.59
CA THR A 256 -27.15 14.69 2.37
C THR A 256 -27.19 15.44 1.03
N GLU A 257 -26.05 15.92 0.55
CA GLU A 257 -26.07 16.82 -0.61
C GLU A 257 -26.14 16.10 -1.95
N SER A 258 -26.95 16.62 -2.86
CA SER A 258 -27.21 15.93 -4.10
C SER A 258 -25.98 15.77 -5.01
N ASP A 259 -25.12 16.78 -5.06
CA ASP A 259 -23.96 16.70 -5.94
C ASP A 259 -22.67 16.94 -5.20
N ALA A 260 -22.43 16.12 -4.19
CA ALA A 260 -21.23 16.23 -3.40
C ALA A 260 -20.50 14.89 -3.48
N ALA A 261 -20.32 14.42 -4.71
CA ALA A 261 -19.66 13.14 -4.92
C ALA A 261 -18.25 13.17 -4.38
N LEU A 262 -17.87 12.11 -3.66
CA LEU A 262 -16.50 12.02 -3.15
C LEU A 262 -15.58 11.45 -4.22
N HIS A 263 -14.34 11.91 -4.23
CA HIS A 263 -13.34 11.31 -5.09
C HIS A 263 -12.98 9.93 -4.57
N PRO A 264 -12.74 8.97 -5.48
CA PRO A 264 -12.46 7.60 -5.07
C PRO A 264 -11.25 7.46 -4.13
N LEU A 265 -10.22 8.26 -4.31
CA LEU A 265 -9.05 8.13 -3.44
C LEU A 265 -9.41 8.51 -2.03
N LEU A 266 -10.11 9.63 -1.92
CA LEU A 266 -10.54 10.15 -0.63
C LEU A 266 -11.52 9.22 0.00
N GLN A 267 -12.32 8.54 -0.81
CA GLN A 267 -13.26 7.55 -0.30
C GLN A 267 -12.54 6.36 0.32
N GLU A 268 -11.35 6.04 -0.16
CA GLU A 268 -10.54 5.01 0.50
C GLU A 268 -10.09 5.48 1.88
N ILE A 269 -9.80 6.77 2.01
CA ILE A 269 -9.32 7.32 3.27
C ILE A 269 -10.36 7.24 4.38
N TYR A 270 -11.62 7.35 4.02
CA TYR A 270 -12.68 7.48 5.02
C TYR A 270 -13.30 6.20 5.51
N ARG A 271 -12.83 5.06 5.02
CA ARG A 271 -13.44 3.78 5.36
C ARG A 271 -13.37 3.44 6.86
N ASP A 272 -12.41 4.01 7.58
CA ASP A 272 -12.35 3.86 9.05
C ASP A 272 -11.54 4.97 9.73
N GLU B 2 8.20 -3.32 -36.71
CA GLU B 2 8.21 -3.38 -35.25
C GLU B 2 8.97 -4.61 -34.76
N ASP B 3 10.15 -4.83 -35.31
CA ASP B 3 11.03 -5.94 -34.90
C ASP B 3 11.70 -5.69 -33.55
N SER B 4 11.85 -4.43 -33.21
CA SER B 4 12.44 -4.06 -31.94
C SER B 4 11.50 -4.48 -30.82
N GLU B 5 10.21 -4.32 -31.06
CA GLU B 5 9.23 -4.64 -30.04
C GLU B 5 9.34 -6.12 -29.73
N THR B 6 9.69 -6.90 -30.75
CA THR B 6 9.91 -8.33 -30.59
C THR B 6 11.09 -8.58 -29.65
N ALA B 7 12.05 -7.67 -29.70
CA ALA B 7 13.26 -7.81 -28.93
C ALA B 7 13.11 -7.20 -27.54
N ASP B 8 12.33 -6.13 -27.43
CA ASP B 8 12.02 -5.53 -26.14
C ASP B 8 11.15 -6.37 -25.24
N LEU B 9 10.25 -7.12 -25.85
CA LEU B 9 9.51 -8.12 -25.14
C LEU B 9 10.45 -9.28 -24.82
N LYS B 10 11.35 -9.59 -25.75
CA LYS B 10 12.39 -10.58 -25.50
C LYS B 10 13.25 -10.10 -24.34
N SER B 11 13.43 -8.79 -24.26
CA SER B 11 14.15 -8.13 -23.18
C SER B 11 13.41 -8.11 -21.85
N LEU B 12 12.14 -7.75 -21.91
CA LEU B 12 11.30 -7.63 -20.73
C LEU B 12 11.13 -8.99 -20.07
N ALA B 13 11.16 -10.04 -20.87
CA ALA B 13 11.05 -11.40 -20.37
C ALA B 13 12.25 -11.70 -19.51
N LYS B 14 13.43 -11.31 -20.02
CA LYS B 14 14.69 -11.62 -19.38
C LYS B 14 14.86 -10.87 -18.07
N ARG B 15 14.44 -9.62 -18.04
CA ARG B 15 14.57 -8.85 -16.82
C ARG B 15 13.68 -9.40 -15.73
N ILE B 16 12.57 -10.03 -16.12
CA ILE B 16 11.64 -10.62 -15.15
C ILE B 16 12.09 -11.99 -14.61
N TYR B 17 12.69 -12.79 -15.47
CA TYR B 17 13.22 -14.06 -15.05
C TYR B 17 14.35 -13.87 -14.07
N GLU B 18 15.06 -12.75 -14.18
CA GLU B 18 16.18 -12.44 -13.29
C GLU B 18 15.72 -12.21 -11.84
N ALA B 19 14.64 -11.46 -11.67
CA ALA B 19 14.10 -11.13 -10.36
C ALA B 19 13.60 -12.37 -9.68
N TYR B 20 13.18 -13.31 -10.52
CA TYR B 20 12.64 -14.58 -10.10
C TYR B 20 13.77 -15.39 -9.53
N LEU B 21 14.89 -15.45 -10.24
CA LEU B 21 16.02 -16.23 -9.75
C LEU B 21 16.56 -15.61 -8.49
N LYS B 22 16.61 -14.29 -8.48
CA LYS B 22 17.14 -13.55 -7.35
C LYS B 22 16.29 -13.61 -6.09
N ASN B 23 14.97 -13.60 -6.23
CA ASN B 23 14.11 -13.47 -5.05
C ASN B 23 13.54 -14.74 -4.47
N PHE B 24 13.72 -15.88 -5.10
CA PHE B 24 13.16 -17.11 -4.57
C PHE B 24 14.23 -18.11 -4.31
N ASN B 25 14.34 -18.55 -3.06
CA ASN B 25 15.34 -19.52 -2.69
C ASN B 25 15.11 -20.85 -3.38
N MET B 26 13.84 -21.17 -3.64
CA MET B 26 13.51 -22.41 -4.30
C MET B 26 12.84 -22.19 -5.65
N ASN B 27 13.21 -23.06 -6.60
CA ASN B 27 12.67 -23.06 -7.95
C ASN B 27 12.61 -24.47 -8.56
N LYS B 28 12.06 -24.55 -9.77
CA LYS B 28 11.82 -25.83 -10.45
C LYS B 28 13.10 -26.63 -10.75
N VAL B 29 14.16 -25.94 -11.14
CA VAL B 29 15.44 -26.60 -11.38
C VAL B 29 16.12 -27.08 -10.10
N LYS B 30 16.15 -26.25 -9.07
CA LYS B 30 16.75 -26.67 -7.82
C LYS B 30 15.96 -27.83 -7.28
N ALA B 31 14.64 -27.80 -7.50
CA ALA B 31 13.76 -28.81 -6.92
C ALA B 31 13.88 -30.11 -7.68
N ARG B 32 13.99 -30.06 -8.99
CA ARG B 32 14.06 -31.30 -9.75
C ARG B 32 15.37 -32.07 -9.52
N VAL B 33 16.41 -31.35 -9.12
CA VAL B 33 17.72 -31.92 -8.74
C VAL B 33 17.56 -32.83 -7.51
N ILE B 34 16.62 -32.46 -6.65
CA ILE B 34 16.34 -33.20 -5.43
C ILE B 34 15.41 -34.37 -5.73
N LEU B 35 14.39 -34.11 -6.55
CA LEU B 35 13.38 -35.12 -6.84
C LEU B 35 13.86 -36.33 -7.65
N SER B 36 14.81 -36.15 -8.55
CA SER B 36 15.29 -37.30 -9.33
C SER B 36 16.04 -38.29 -8.41
N PRO B 44 17.27 -35.70 1.23
CA PRO B 44 16.24 -35.13 2.11
C PRO B 44 15.74 -36.15 3.12
N PHE B 45 15.61 -35.76 4.38
CA PHE B 45 15.01 -36.62 5.38
C PHE B 45 13.54 -36.76 4.99
N VAL B 46 13.03 -37.98 5.03
CA VAL B 46 11.63 -38.24 4.70
C VAL B 46 10.78 -38.24 5.96
N ILE B 47 9.66 -37.53 5.92
CA ILE B 47 8.75 -37.48 7.05
C ILE B 47 7.49 -38.19 6.69
N HIS B 48 7.35 -39.43 7.16
CA HIS B 48 6.17 -40.21 6.82
C HIS B 48 5.40 -40.68 8.04
N ASP B 49 5.93 -40.40 9.22
CA ASP B 49 5.31 -40.82 10.46
C ASP B 49 5.83 -39.94 11.56
N MET B 50 5.33 -40.12 12.77
CA MET B 50 5.73 -39.29 13.89
C MET B 50 7.20 -39.40 14.25
N GLU B 51 7.73 -40.59 14.04
CA GLU B 51 9.10 -40.87 14.41
C GLU B 51 10.04 -40.06 13.52
N THR B 52 9.81 -40.09 12.21
CA THR B 52 10.57 -39.24 11.29
C THR B 52 10.17 -37.79 11.43
N LEU B 53 8.93 -37.55 11.82
CA LEU B 53 8.54 -36.17 12.09
C LEU B 53 9.34 -35.61 13.25
N CYS B 54 9.41 -36.35 14.36
CA CYS B 54 10.17 -35.88 15.52
C CYS B 54 11.68 -35.82 15.33
N MET B 55 12.23 -36.72 14.53
CA MET B 55 13.66 -36.70 14.28
C MET B 55 14.03 -35.46 13.49
N ALA B 56 13.17 -35.12 12.54
CA ALA B 56 13.40 -33.98 11.68
C ALA B 56 13.34 -32.67 12.45
N GLU B 57 12.43 -32.57 13.41
CA GLU B 57 12.41 -31.41 14.27
C GLU B 57 13.65 -31.35 15.15
N LYS B 58 14.12 -32.50 15.62
CA LYS B 58 15.28 -32.50 16.50
C LYS B 58 16.50 -32.00 15.73
N THR B 59 16.56 -32.33 14.45
CA THR B 59 17.75 -32.07 13.65
C THR B 59 17.65 -30.70 13.02
N LEU B 60 16.55 -30.43 12.35
CA LEU B 60 16.46 -29.18 11.63
C LEU B 60 16.22 -28.03 12.61
N VAL B 61 15.16 -28.12 13.42
CA VAL B 61 14.84 -27.03 14.33
C VAL B 61 15.20 -27.35 15.77
N ALA B 62 16.49 -27.56 16.02
CA ALA B 62 16.95 -28.12 17.28
C ALA B 62 16.51 -27.24 18.46
N LYS B 63 16.42 -25.94 18.19
CA LYS B 63 16.01 -24.97 19.19
C LYS B 63 14.60 -25.20 19.68
N LEU B 64 13.74 -25.67 18.78
CA LEU B 64 12.32 -25.81 19.09
C LEU B 64 11.92 -26.98 19.97
N VAL B 65 12.50 -28.14 19.72
CA VAL B 65 12.08 -29.39 20.35
C VAL B 65 12.28 -29.37 21.85
N ALA B 66 13.32 -28.68 22.28
CA ALA B 66 13.65 -28.54 23.69
C ALA B 66 12.56 -27.77 24.43
N ASN B 67 11.83 -26.95 23.70
CA ASN B 67 10.78 -26.13 24.29
C ASN B 67 9.45 -26.88 24.45
N GLY B 68 9.42 -28.14 23.98
CA GLY B 68 8.30 -29.04 24.18
C GLY B 68 7.19 -29.19 23.16
N ILE B 69 7.42 -28.77 21.92
CA ILE B 69 6.37 -28.81 20.90
C ILE B 69 5.88 -30.21 20.55
N GLN B 70 6.71 -31.21 20.80
CA GLN B 70 6.38 -32.56 20.39
C GLN B 70 5.23 -33.13 21.21
N ASN B 71 4.94 -32.48 22.34
CA ASN B 71 3.77 -32.76 23.16
C ASN B 71 2.42 -32.38 22.50
N LYS B 72 2.49 -31.42 21.56
CA LYS B 72 1.35 -30.95 20.77
C LYS B 72 0.98 -31.93 19.68
N GLU B 73 -0.26 -31.86 19.19
CA GLU B 73 -0.67 -32.75 18.11
C GLU B 73 0.18 -32.48 16.90
N ALA B 74 0.47 -33.54 16.15
CA ALA B 74 1.27 -33.42 14.94
C ALA B 74 0.56 -32.59 13.90
N GLU B 75 -0.77 -32.62 13.94
CA GLU B 75 -1.57 -31.87 12.99
C GLU B 75 -1.25 -30.41 13.16
N VAL B 76 -1.02 -30.03 14.41
CA VAL B 76 -0.73 -28.66 14.74
C VAL B 76 0.67 -28.22 14.35
N ARG B 77 1.66 -29.06 14.64
CA ARG B 77 3.03 -28.69 14.30
C ARG B 77 3.20 -28.64 12.80
N ILE B 78 2.50 -29.51 12.08
CA ILE B 78 2.53 -29.45 10.62
C ILE B 78 1.83 -28.18 10.09
N PHE B 79 0.77 -27.74 10.77
CA PHE B 79 0.07 -26.52 10.39
C PHE B 79 0.93 -25.29 10.58
N HIS B 80 1.63 -25.24 11.70
CA HIS B 80 2.50 -24.10 11.95
C HIS B 80 3.72 -24.04 10.99
N CYS B 81 4.18 -25.16 10.46
CA CYS B 81 5.25 -25.11 9.46
C CYS B 81 4.83 -24.41 8.16
N CYS B 82 3.56 -24.56 7.78
CA CYS B 82 3.07 -24.04 6.51
C CYS B 82 2.94 -22.52 6.54
N GLN B 83 2.48 -21.98 7.67
CA GLN B 83 2.27 -20.56 7.79
C GLN B 83 3.59 -19.87 7.64
N CYS B 84 4.61 -20.44 8.26
CA CYS B 84 5.95 -19.88 8.24
C CYS B 84 6.56 -19.92 6.86
N THR B 85 6.17 -20.89 6.07
CA THR B 85 6.71 -21.01 4.72
C THR B 85 5.98 -20.04 3.85
N SER B 86 4.70 -19.86 4.16
CA SER B 86 3.87 -18.91 3.45
C SER B 86 4.37 -17.51 3.67
N VAL B 87 4.75 -17.23 4.91
CA VAL B 87 5.22 -15.90 5.29
C VAL B 87 6.54 -15.56 4.63
N GLU B 88 7.35 -16.58 4.39
CA GLU B 88 8.60 -16.37 3.70
C GLU B 88 8.34 -16.15 2.21
N THR B 89 7.47 -16.95 1.62
CA THR B 89 7.24 -16.83 0.18
C THR B 89 6.56 -15.50 -0.10
N VAL B 90 5.73 -15.02 0.81
CA VAL B 90 5.08 -13.72 0.61
C VAL B 90 6.07 -12.57 0.64
N THR B 91 7.07 -12.66 1.51
CA THR B 91 8.09 -11.63 1.54
C THR B 91 8.91 -11.65 0.24
N GLU B 92 9.24 -12.85 -0.25
CA GLU B 92 9.97 -12.98 -1.49
C GLU B 92 9.12 -12.47 -2.65
N LEU B 93 7.84 -12.79 -2.58
CA LEU B 93 6.89 -12.39 -3.62
C LEU B 93 6.72 -10.88 -3.63
N THR B 94 6.87 -10.26 -2.47
CA THR B 94 6.77 -8.82 -2.38
C THR B 94 7.97 -8.13 -3.04
N GLU B 95 9.15 -8.59 -2.68
CA GLU B 95 10.36 -8.04 -3.25
C GLU B 95 10.47 -8.35 -4.73
N PHE B 96 9.92 -9.49 -5.15
CA PHE B 96 9.87 -9.83 -6.56
C PHE B 96 8.90 -8.92 -7.31
N ALA B 97 7.79 -8.59 -6.65
CA ALA B 97 6.78 -7.75 -7.28
C ALA B 97 7.34 -6.38 -7.50
N LYS B 98 8.21 -5.94 -6.60
CA LYS B 98 8.83 -4.63 -6.74
C LYS B 98 9.65 -4.62 -8.02
N ALA B 99 10.15 -5.76 -8.43
CA ALA B 99 10.98 -5.82 -9.61
C ALA B 99 10.20 -5.90 -10.91
N ILE B 100 8.88 -6.02 -10.83
CA ILE B 100 8.04 -5.85 -12.03
C ILE B 100 7.90 -4.36 -12.39
N PRO B 101 8.21 -3.98 -13.65
CA PRO B 101 8.15 -2.57 -14.04
C PRO B 101 6.77 -1.92 -13.92
N GLY B 102 6.74 -0.68 -13.41
CA GLY B 102 5.51 0.07 -13.23
C GLY B 102 4.73 -0.27 -11.96
N PHE B 103 5.20 -1.29 -11.22
CA PHE B 103 4.48 -1.76 -10.03
C PHE B 103 4.69 -0.81 -8.85
N ALA B 104 5.91 -0.34 -8.66
CA ALA B 104 6.21 0.64 -7.60
C ALA B 104 5.57 2.00 -7.88
N ASN B 105 5.32 2.29 -9.15
CA ASN B 105 4.70 3.55 -9.56
C ASN B 105 3.20 3.57 -9.33
N LEU B 106 2.66 2.39 -9.04
CA LEU B 106 1.26 2.28 -8.70
C LEU B 106 0.98 3.01 -7.40
N ASP B 107 -0.26 3.48 -7.25
CA ASP B 107 -0.71 4.01 -5.99
C ASP B 107 -0.56 2.85 -4.99
N LEU B 108 -0.11 3.18 -3.77
CA LEU B 108 0.24 2.16 -2.79
C LEU B 108 -0.93 1.27 -2.40
N ASN B 109 -2.14 1.81 -2.43
CA ASN B 109 -3.27 0.98 -2.13
C ASN B 109 -3.48 -0.07 -3.19
N ASP B 110 -3.04 0.25 -4.40
CA ASP B 110 -3.11 -0.68 -5.51
C ASP B 110 -2.05 -1.76 -5.41
N GLN B 111 -0.90 -1.40 -4.86
CA GLN B 111 0.13 -2.40 -4.63
C GLN B 111 -0.30 -3.41 -3.55
N VAL B 112 -0.89 -2.93 -2.47
CA VAL B 112 -1.36 -3.80 -1.38
C VAL B 112 -2.49 -4.68 -1.88
N THR B 113 -3.24 -4.16 -2.82
CA THR B 113 -4.35 -4.91 -3.36
C THR B 113 -3.90 -6.04 -4.28
N LEU B 114 -2.93 -5.76 -5.15
CA LEU B 114 -2.51 -6.77 -6.10
C LEU B 114 -1.90 -7.93 -5.35
N LEU B 115 -1.25 -7.61 -4.24
CA LEU B 115 -0.63 -8.61 -3.36
C LEU B 115 -1.57 -9.30 -2.36
N LYS B 116 -2.61 -8.62 -1.88
CA LYS B 116 -3.53 -9.28 -0.95
C LYS B 116 -4.26 -10.45 -1.64
N TYR B 117 -4.55 -10.28 -2.92
CA TYR B 117 -5.27 -11.29 -3.71
C TYR B 117 -4.39 -12.18 -4.60
N GLY B 118 -3.21 -11.69 -4.97
CA GLY B 118 -2.30 -12.46 -5.80
C GLY B 118 -1.26 -13.36 -5.15
N VAL B 119 -0.91 -13.16 -3.89
CA VAL B 119 0.21 -13.94 -3.34
C VAL B 119 -0.08 -15.42 -3.24
N TYR B 120 -1.26 -15.75 -2.74
CA TYR B 120 -1.61 -17.16 -2.58
C TYR B 120 -1.81 -17.94 -3.89
N GLU B 121 -2.21 -17.28 -4.95
CA GLU B 121 -2.29 -17.96 -6.23
C GLU B 121 -0.90 -18.32 -6.70
N ALA B 122 0.02 -17.36 -6.58
CA ALA B 122 1.41 -17.52 -6.99
C ALA B 122 2.10 -18.57 -6.15
N ILE B 123 1.72 -18.62 -4.89
CA ILE B 123 2.29 -19.60 -4.01
C ILE B 123 1.86 -20.99 -4.45
N PHE B 124 0.59 -21.18 -4.76
CA PHE B 124 0.13 -22.50 -5.16
C PHE B 124 0.66 -22.93 -6.54
N ALA B 125 0.91 -21.96 -7.41
CA ALA B 125 1.50 -22.29 -8.71
C ALA B 125 2.94 -22.74 -8.56
N MET B 126 3.70 -21.97 -7.79
CA MET B 126 5.12 -22.24 -7.54
C MET B 126 5.32 -23.44 -6.65
N LEU B 127 4.29 -23.77 -5.89
CA LEU B 127 4.32 -24.92 -5.01
C LEU B 127 4.43 -26.21 -5.80
N SER B 128 3.87 -26.21 -7.00
CA SER B 128 3.91 -27.34 -7.89
C SER B 128 5.33 -27.72 -8.26
N SER B 129 6.24 -26.76 -8.25
CA SER B 129 7.62 -27.01 -8.60
C SER B 129 8.24 -27.95 -7.61
N VAL B 130 7.74 -27.91 -6.38
CA VAL B 130 8.33 -28.70 -5.30
C VAL B 130 7.50 -29.94 -4.92
N MET B 131 6.57 -30.33 -5.80
CA MET B 131 5.74 -31.51 -5.59
C MET B 131 5.92 -32.61 -6.63
N ASN B 132 5.82 -33.86 -6.15
CA ASN B 132 5.56 -34.99 -7.03
C ASN B 132 4.38 -35.76 -6.48
N LYS B 133 4.04 -36.86 -7.11
CA LYS B 133 2.86 -37.62 -6.71
C LYS B 133 2.97 -38.15 -5.29
N ASP B 134 4.20 -38.31 -4.82
CA ASP B 134 4.47 -38.94 -3.52
C ASP B 134 4.58 -38.00 -2.30
N GLY B 135 4.94 -36.76 -2.52
CA GLY B 135 5.12 -35.85 -1.41
C GLY B 135 5.65 -34.48 -1.80
N MET B 136 5.95 -33.67 -0.80
CA MET B 136 6.39 -32.33 -1.09
C MET B 136 7.58 -31.91 -0.24
N LEU B 137 8.49 -31.16 -0.86
CA LEU B 137 9.68 -30.63 -0.20
C LEU B 137 9.37 -29.50 0.76
N VAL B 138 10.16 -29.41 1.82
CA VAL B 138 10.00 -28.37 2.83
C VAL B 138 11.36 -28.07 3.42
N ALA B 139 11.43 -27.05 4.26
CA ALA B 139 12.68 -26.71 4.93
C ALA B 139 13.82 -26.44 3.97
N TYR B 140 13.56 -25.61 2.97
CA TYR B 140 14.58 -25.20 2.01
C TYR B 140 15.22 -26.40 1.32
N GLY B 141 14.39 -27.41 1.04
CA GLY B 141 14.80 -28.60 0.30
C GLY B 141 15.42 -29.72 1.12
N ASN B 142 15.56 -29.54 2.42
CA ASN B 142 16.17 -30.56 3.27
C ASN B 142 15.16 -31.59 3.78
N GLY B 143 13.89 -31.39 3.43
CA GLY B 143 12.83 -32.27 3.86
C GLY B 143 11.88 -32.74 2.79
N PHE B 144 11.34 -33.95 2.97
CA PHE B 144 10.30 -34.51 2.11
C PHE B 144 9.17 -35.09 2.97
N ILE B 145 8.07 -34.37 3.07
CA ILE B 145 6.93 -34.81 3.86
C ILE B 145 5.89 -35.49 2.97
N THR B 146 5.54 -36.74 3.27
CA THR B 146 4.70 -37.52 2.35
C THR B 146 3.23 -37.14 2.33
N ARG B 147 2.63 -37.31 1.15
CA ARG B 147 1.21 -37.05 0.91
C ARG B 147 0.32 -37.94 1.79
N GLU B 148 0.78 -39.16 2.02
CA GLU B 148 0.00 -40.12 2.78
C GLU B 148 0.05 -39.87 4.23
N PHE B 149 1.20 -39.45 4.69
CA PHE B 149 1.35 -39.09 6.05
C PHE B 149 0.41 -37.95 6.30
N LEU B 150 0.37 -37.04 5.33
CA LEU B 150 -0.50 -35.87 5.42
C LEU B 150 -1.97 -36.23 5.33
N LYS B 151 -2.29 -37.19 4.46
CA LYS B 151 -3.64 -37.67 4.30
C LYS B 151 -4.12 -38.41 5.54
N SER B 152 -3.16 -39.00 6.25
CA SER B 152 -3.41 -39.70 7.50
C SER B 152 -3.85 -38.79 8.64
N LEU B 153 -3.40 -37.54 8.66
CA LEU B 153 -3.64 -36.68 9.79
C LEU B 153 -5.11 -36.50 9.98
N ARG B 154 -5.53 -36.25 11.19
CA ARG B 154 -6.95 -36.12 11.47
C ARG B 154 -7.55 -34.90 10.78
N LYS B 155 -8.85 -34.96 10.53
CA LYS B 155 -9.58 -33.83 9.97
C LYS B 155 -9.61 -32.69 10.99
N PRO B 156 -9.60 -31.42 10.50
CA PRO B 156 -9.64 -30.99 9.10
C PRO B 156 -8.28 -30.88 8.43
N PHE B 157 -7.21 -31.25 9.12
CA PHE B 157 -5.87 -31.05 8.62
C PHE B 157 -5.49 -31.89 7.40
N CYS B 158 -6.04 -33.09 7.27
CA CYS B 158 -5.73 -33.89 6.09
C CYS B 158 -6.31 -33.23 4.85
N ASP B 159 -7.34 -32.42 5.07
CA ASP B 159 -8.15 -31.86 3.99
C ASP B 159 -7.46 -30.67 3.32
N ILE B 160 -6.31 -30.29 3.84
CA ILE B 160 -5.62 -29.11 3.34
C ILE B 160 -4.80 -29.31 2.09
N MET B 161 -3.84 -30.23 2.14
CA MET B 161 -2.79 -30.27 1.12
C MET B 161 -3.13 -31.04 -0.12
N GLU B 162 -4.06 -31.96 -0.01
CA GLU B 162 -4.44 -32.78 -1.15
C GLU B 162 -4.88 -32.00 -2.40
N PRO B 163 -5.75 -30.99 -2.24
CA PRO B 163 -6.22 -30.21 -3.39
C PRO B 163 -5.08 -29.57 -4.17
N LYS B 164 -4.04 -29.21 -3.43
CA LYS B 164 -2.87 -28.60 -4.03
C LYS B 164 -2.05 -29.64 -4.76
N PHE B 165 -2.03 -30.87 -4.25
CA PHE B 165 -1.37 -31.94 -4.96
C PHE B 165 -2.07 -32.19 -6.30
N ASP B 166 -3.39 -32.06 -6.30
CA ASP B 166 -4.21 -32.35 -7.48
C ASP B 166 -3.96 -31.33 -8.56
N PHE B 167 -3.86 -30.08 -8.15
CA PHE B 167 -3.53 -29.02 -9.07
C PHE B 167 -2.12 -29.27 -9.60
N ALA B 168 -1.22 -29.63 -8.70
CA ALA B 168 0.19 -29.74 -9.03
C ALA B 168 0.44 -30.79 -10.09
N MET B 169 -0.32 -31.88 -10.05
CA MET B 169 -0.07 -32.93 -10.99
C MET B 169 -0.51 -32.53 -12.38
N LYS B 170 -1.68 -31.90 -12.47
CA LYS B 170 -2.18 -31.39 -13.73
C LYS B 170 -1.29 -30.28 -14.23
N PHE B 171 -0.76 -29.53 -13.28
CA PHE B 171 0.05 -28.38 -13.62
C PHE B 171 1.43 -28.80 -14.04
N ASN B 172 2.02 -29.76 -13.34
CA ASN B 172 3.35 -30.28 -13.68
C ASN B 172 3.33 -31.06 -14.98
N ALA B 173 2.16 -31.54 -15.36
CA ALA B 173 2.02 -32.28 -16.60
C ALA B 173 2.26 -31.37 -17.78
N LEU B 174 2.06 -30.07 -17.59
CA LEU B 174 2.37 -29.06 -18.61
C LEU B 174 3.89 -28.85 -18.86
N GLU B 175 4.71 -29.27 -17.89
CA GLU B 175 6.17 -29.27 -18.03
C GLU B 175 6.85 -27.94 -18.35
N LEU B 176 6.47 -26.90 -17.63
CA LEU B 176 7.08 -25.57 -17.73
C LEU B 176 8.46 -25.49 -17.06
N ASP B 177 9.34 -24.67 -17.61
CA ASP B 177 10.56 -24.30 -16.90
C ASP B 177 10.42 -22.97 -16.19
N ASP B 178 11.39 -22.64 -15.36
CA ASP B 178 11.33 -21.42 -14.56
C ASP B 178 11.21 -20.12 -15.36
N SER B 179 11.71 -20.10 -16.59
CA SER B 179 11.50 -18.93 -17.42
C SER B 179 10.02 -18.77 -17.74
N ASP B 180 9.31 -19.90 -17.83
CA ASP B 180 7.87 -19.83 -18.08
C ASP B 180 7.23 -19.34 -16.82
N ILE B 181 7.62 -19.93 -15.72
CA ILE B 181 6.95 -19.71 -14.45
C ILE B 181 7.06 -18.26 -13.94
N SER B 182 8.18 -17.58 -14.23
CA SER B 182 8.38 -16.21 -13.76
C SER B 182 7.40 -15.28 -14.39
N LEU B 183 7.14 -15.49 -15.67
CA LEU B 183 6.11 -14.73 -16.38
C LEU B 183 4.70 -15.01 -15.91
N PHE B 184 4.45 -16.24 -15.49
CA PHE B 184 3.14 -16.65 -15.03
C PHE B 184 2.84 -16.05 -13.67
N VAL B 185 3.79 -16.08 -12.77
CA VAL B 185 3.59 -15.44 -11.49
C VAL B 185 3.45 -13.91 -11.64
N ALA B 186 4.19 -13.34 -12.60
CA ALA B 186 4.14 -11.91 -12.79
C ALA B 186 2.77 -11.51 -13.29
N ALA B 187 2.20 -12.36 -14.15
CA ALA B 187 0.86 -12.13 -14.69
C ALA B 187 -0.24 -12.30 -13.63
N ILE B 188 -0.03 -13.19 -12.67
CA ILE B 188 -0.96 -13.42 -11.59
C ILE B 188 -1.05 -12.19 -10.69
N ILE B 189 0.07 -11.50 -10.54
CA ILE B 189 0.11 -10.39 -9.57
C ILE B 189 -0.60 -9.15 -10.12
N CYS B 190 -0.36 -8.89 -11.40
CA CYS B 190 -0.95 -7.74 -12.06
C CYS B 190 -2.31 -8.03 -12.64
N CYS B 191 -3.32 -8.23 -11.79
CA CYS B 191 -4.70 -8.32 -12.25
C CYS B 191 -5.48 -7.02 -12.03
N GLY B 192 -6.20 -6.59 -13.06
CA GLY B 192 -7.02 -5.40 -12.94
C GLY B 192 -8.33 -5.78 -12.30
N ASP B 193 -8.50 -7.08 -12.09
CA ASP B 193 -9.71 -7.66 -11.54
C ASP B 193 -9.83 -7.53 -10.04
N ARG B 194 -8.76 -7.13 -9.38
CA ARG B 194 -8.69 -7.12 -7.92
C ARG B 194 -9.67 -6.15 -7.31
N PRO B 195 -10.41 -6.58 -6.28
CA PRO B 195 -11.36 -5.67 -5.64
C PRO B 195 -10.64 -4.46 -5.06
N GLY B 196 -11.20 -3.26 -5.16
CA GLY B 196 -10.62 -2.08 -4.52
C GLY B 196 -9.44 -1.40 -5.18
N LEU B 197 -9.18 -1.74 -6.44
CA LEU B 197 -8.14 -1.06 -7.17
C LEU B 197 -8.59 0.34 -7.49
N LEU B 198 -7.66 1.29 -7.41
CA LEU B 198 -7.95 2.69 -7.73
C LEU B 198 -7.72 3.03 -9.18
N ASN B 199 -6.67 2.47 -9.75
CA ASN B 199 -6.31 2.78 -11.12
C ASN B 199 -6.28 1.51 -11.93
N VAL B 200 -7.47 1.05 -12.32
CA VAL B 200 -7.63 -0.16 -13.11
C VAL B 200 -6.97 -0.05 -14.48
N GLY B 201 -6.96 1.13 -15.07
CA GLY B 201 -6.38 1.28 -16.39
C GLY B 201 -4.87 1.16 -16.43
N HIS B 202 -4.18 1.72 -15.46
CA HIS B 202 -2.72 1.62 -15.46
C HIS B 202 -2.27 0.18 -15.24
N ILE B 203 -3.04 -0.55 -14.44
CA ILE B 203 -2.71 -1.89 -14.03
C ILE B 203 -3.08 -2.79 -15.19
N GLU B 204 -4.18 -2.43 -15.82
CA GLU B 204 -4.67 -3.18 -16.95
C GLU B 204 -3.61 -3.12 -18.04
N LYS B 205 -3.05 -1.93 -18.24
CA LYS B 205 -2.07 -1.73 -19.30
C LYS B 205 -0.75 -2.44 -19.04
N MET B 206 -0.43 -2.66 -17.76
CA MET B 206 0.74 -3.44 -17.39
C MET B 206 0.56 -4.90 -17.77
N GLN B 207 -0.63 -5.41 -17.51
CA GLN B 207 -0.92 -6.82 -17.77
C GLN B 207 -0.80 -7.14 -19.26
N GLU B 208 -1.12 -6.18 -20.12
CA GLU B 208 -1.07 -6.42 -21.55
C GLU B 208 0.35 -6.73 -21.98
N GLY B 209 1.31 -6.09 -21.33
CA GLY B 209 2.70 -6.27 -21.73
C GLY B 209 3.25 -7.62 -21.35
N ILE B 210 2.99 -8.03 -20.11
CA ILE B 210 3.49 -9.31 -19.59
C ILE B 210 2.90 -10.49 -20.32
N VAL B 211 1.60 -10.42 -20.52
CA VAL B 211 0.87 -11.48 -21.18
C VAL B 211 1.33 -11.62 -22.63
N HIS B 212 1.72 -10.50 -23.25
CA HIS B 212 2.22 -10.55 -24.61
C HIS B 212 3.60 -11.18 -24.63
N VAL B 213 4.43 -10.80 -23.67
CA VAL B 213 5.77 -11.37 -23.56
C VAL B 213 5.71 -12.87 -23.23
N LEU B 214 4.71 -13.22 -22.45
CA LEU B 214 4.48 -14.59 -22.11
C LEU B 214 4.03 -15.38 -23.32
N ARG B 215 3.11 -14.81 -24.07
CA ARG B 215 2.57 -15.49 -25.23
C ARG B 215 3.63 -15.71 -26.25
N LEU B 216 4.55 -14.75 -26.35
CA LEU B 216 5.63 -14.81 -27.33
C LEU B 216 6.77 -15.72 -26.82
N HIS B 217 7.04 -15.66 -25.52
CA HIS B 217 8.04 -16.54 -24.96
C HIS B 217 7.57 -17.99 -25.06
N LEU B 218 6.30 -18.26 -24.75
CA LEU B 218 5.75 -19.61 -24.86
C LEU B 218 5.80 -20.03 -26.30
N GLN B 219 5.75 -19.04 -27.18
CA GLN B 219 5.79 -19.30 -28.60
C GLN B 219 7.16 -19.85 -29.01
N SER B 220 8.23 -19.36 -28.38
CA SER B 220 9.58 -19.83 -28.66
C SER B 220 10.02 -20.99 -27.78
N ASN B 221 9.71 -20.90 -26.49
CA ASN B 221 10.13 -21.91 -25.50
C ASN B 221 9.48 -23.28 -25.68
N HIS B 222 8.23 -23.30 -26.15
CA HIS B 222 7.51 -24.56 -26.29
C HIS B 222 6.81 -24.69 -27.65
N PRO B 223 7.60 -24.88 -28.72
CA PRO B 223 7.05 -24.94 -30.09
C PRO B 223 6.01 -26.03 -30.33
N ASP B 224 6.13 -27.18 -29.65
CA ASP B 224 5.18 -28.26 -29.84
C ASP B 224 3.76 -28.02 -29.32
N ASP B 225 3.60 -27.44 -28.13
CA ASP B 225 2.26 -27.22 -27.59
C ASP B 225 1.69 -25.85 -27.96
N ILE B 226 0.94 -25.82 -29.05
CA ILE B 226 0.38 -24.57 -29.57
C ILE B 226 -0.57 -23.98 -28.54
N PHE B 227 -1.16 -24.89 -27.77
CA PHE B 227 -2.30 -24.59 -26.92
C PHE B 227 -1.93 -24.28 -25.50
N LEU B 228 -0.64 -24.18 -25.24
CA LEU B 228 -0.19 -23.99 -23.88
C LEU B 228 -0.76 -22.71 -23.34
N PHE B 229 -0.74 -21.67 -24.17
CA PHE B 229 -1.14 -20.36 -23.69
C PHE B 229 -2.57 -20.20 -23.16
N PRO B 230 -3.60 -20.53 -23.96
CA PRO B 230 -4.92 -20.50 -23.34
C PRO B 230 -5.05 -21.45 -22.17
N LYS B 231 -4.38 -22.58 -22.24
CA LYS B 231 -4.49 -23.57 -21.17
C LYS B 231 -3.94 -22.97 -19.91
N LEU B 232 -2.83 -22.28 -20.05
CA LEU B 232 -2.28 -21.54 -18.94
C LEU B 232 -3.16 -20.44 -18.42
N LEU B 233 -3.87 -19.77 -19.31
CA LEU B 233 -4.75 -18.73 -18.86
C LEU B 233 -5.82 -19.38 -18.01
N GLN B 234 -6.20 -20.61 -18.36
CA GLN B 234 -7.15 -21.32 -17.55
C GLN B 234 -6.59 -21.67 -16.17
N LYS B 235 -5.30 -21.93 -16.10
CA LYS B 235 -4.71 -22.30 -14.83
C LYS B 235 -4.82 -21.18 -13.82
N MET B 236 -4.82 -19.94 -14.30
CA MET B 236 -5.00 -18.83 -13.38
C MET B 236 -6.39 -18.79 -12.75
N ALA B 237 -7.38 -19.23 -13.51
CA ALA B 237 -8.74 -19.18 -13.01
C ALA B 237 -8.94 -20.31 -12.02
N ASP B 238 -8.30 -21.45 -12.26
CA ASP B 238 -8.41 -22.58 -11.36
C ASP B 238 -7.80 -22.21 -10.04
N LEU B 239 -6.67 -21.51 -10.12
CA LEU B 239 -5.99 -21.02 -8.94
C LEU B 239 -6.85 -20.01 -8.23
N ARG B 240 -7.63 -19.26 -8.99
CA ARG B 240 -8.48 -18.29 -8.35
C ARG B 240 -9.49 -19.06 -7.52
N GLN B 241 -10.06 -20.07 -8.11
CA GLN B 241 -11.04 -20.87 -7.41
C GLN B 241 -10.38 -21.60 -6.25
N LEU B 242 -9.17 -22.06 -6.49
CA LEU B 242 -8.50 -22.88 -5.52
C LEU B 242 -8.25 -22.11 -4.24
N VAL B 243 -7.80 -20.89 -4.40
CA VAL B 243 -7.53 -20.04 -3.27
C VAL B 243 -8.82 -19.72 -2.50
N THR B 244 -9.95 -19.60 -3.18
CA THR B 244 -11.19 -19.24 -2.50
C THR B 244 -11.59 -20.38 -1.60
N GLU B 245 -11.48 -21.61 -2.11
CA GLU B 245 -11.83 -22.79 -1.33
C GLU B 245 -10.92 -22.91 -0.16
N HIS B 246 -9.66 -22.56 -0.36
CA HIS B 246 -8.63 -22.68 0.65
C HIS B 246 -8.89 -21.73 1.81
N ALA B 247 -9.35 -20.53 1.48
CA ALA B 247 -9.56 -19.49 2.48
C ALA B 247 -10.66 -19.89 3.44
N GLN B 248 -11.68 -20.53 2.91
CA GLN B 248 -12.83 -20.93 3.72
C GLN B 248 -12.44 -22.03 4.70
N LEU B 249 -11.42 -22.78 4.31
CA LEU B 249 -10.88 -23.89 5.08
C LEU B 249 -10.07 -23.42 6.31
N VAL B 250 -9.35 -22.33 6.13
CA VAL B 250 -8.63 -21.66 7.22
C VAL B 250 -9.56 -21.01 8.24
N GLN B 251 -10.74 -20.58 7.80
CA GLN B 251 -11.77 -20.06 8.70
C GLN B 251 -12.29 -21.14 9.59
N ILE B 252 -12.40 -22.33 9.01
CA ILE B 252 -12.88 -23.50 9.73
C ILE B 252 -11.91 -23.91 10.79
N ILE B 253 -10.64 -23.92 10.41
CA ILE B 253 -9.59 -24.27 11.33
C ILE B 253 -9.52 -23.18 12.37
N LYS B 254 -9.79 -21.96 11.93
CA LYS B 254 -9.75 -20.86 12.84
C LYS B 254 -10.89 -21.01 13.85
N LYS B 255 -12.10 -21.22 13.35
CA LYS B 255 -13.24 -21.45 14.22
C LYS B 255 -13.18 -22.77 15.01
N THR B 256 -12.58 -23.81 14.43
CA THR B 256 -12.63 -25.13 15.06
C THR B 256 -11.51 -25.42 16.04
N GLU B 257 -10.26 -25.20 15.64
CA GLU B 257 -9.14 -25.66 16.47
C GLU B 257 -8.64 -24.69 17.56
N SER B 258 -8.41 -25.23 18.75
CA SER B 258 -8.09 -24.44 19.93
C SER B 258 -6.79 -23.69 19.78
N ASP B 259 -5.83 -24.31 19.09
CA ASP B 259 -4.52 -23.70 18.90
C ASP B 259 -4.19 -23.50 17.42
N ALA B 260 -5.01 -22.73 16.74
CA ALA B 260 -4.77 -22.47 15.34
C ALA B 260 -4.55 -20.99 15.15
N ALA B 261 -3.71 -20.39 16.01
CA ALA B 261 -3.45 -18.97 15.86
C ALA B 261 -2.79 -18.80 14.51
N LEU B 262 -3.31 -17.86 13.73
CA LEU B 262 -2.72 -17.54 12.43
C LEU B 262 -1.61 -16.54 12.57
N HIS B 263 -0.66 -16.54 11.66
CA HIS B 263 0.29 -15.44 11.67
C HIS B 263 -0.45 -14.16 11.24
N PRO B 264 -0.15 -13.05 11.92
CA PRO B 264 -0.82 -11.76 11.73
C PRO B 264 -0.74 -11.25 10.32
N LEU B 265 0.38 -11.50 9.67
CA LEU B 265 0.57 -11.04 8.31
C LEU B 265 -0.41 -11.80 7.47
N LEU B 266 -0.43 -13.12 7.65
CA LEU B 266 -1.37 -13.94 6.93
C LEU B 266 -2.75 -13.57 7.37
N GLN B 267 -2.85 -13.24 8.66
CA GLN B 267 -4.13 -12.86 9.20
C GLN B 267 -4.61 -11.62 8.51
N GLU B 268 -3.68 -10.73 8.16
CA GLU B 268 -4.01 -9.54 7.40
C GLU B 268 -4.45 -9.86 5.99
N ILE B 269 -3.83 -10.87 5.38
CA ILE B 269 -4.16 -11.17 4.00
C ILE B 269 -5.58 -11.66 3.91
N TYR B 270 -6.03 -12.33 4.94
CA TYR B 270 -7.36 -12.91 4.93
C TYR B 270 -8.41 -11.96 5.44
N ARG B 271 -7.98 -10.76 5.81
CA ARG B 271 -8.80 -9.79 6.55
C ARG B 271 -10.09 -9.32 5.87
N ASP B 272 -10.19 -9.39 4.55
CA ASP B 272 -11.47 -9.07 3.89
C ASP B 272 -11.62 -9.73 2.51
N MET B 273 -11.40 -11.03 2.46
CA MET B 273 -11.41 -11.76 1.21
C MET B 273 -12.80 -12.32 0.87
C1 EDO C . -4.62 38.91 -1.21
O1 EDO C . -4.60 39.54 -2.50
C2 EDO C . -3.54 37.85 -1.22
O2 EDO C . -3.19 37.65 -2.59
CAB WY1 D . -5.45 20.33 0.61
CAR WY1 D . -6.07 21.75 0.45
CAP WY1 D . -5.23 22.84 0.28
CAA WY1 D . -3.75 22.69 0.24
CAG WY1 D . -5.76 24.11 0.15
CAF WY1 D . -7.14 24.30 0.19
CAH WY1 D . -7.98 23.21 0.35
CAT WY1 D . -7.46 21.95 0.49
NAM WY1 D . -8.39 20.87 0.66
C4 WY1 D . -9.55 20.90 1.65
N3 WY1 D . -10.69 20.24 1.38
C5 WY1 D . -9.43 21.59 2.84
C6 WY1 D . -10.51 21.58 3.72
CL6 WY1 D . -10.47 22.43 5.25
N1 WY1 D . -11.62 20.92 3.39
C2 WY1 D . -11.70 20.25 2.23
SAN WY1 D . -13.23 19.36 1.87
CAJ WY1 D . -12.85 17.87 1.00
CAO WY1 D . -11.94 16.92 1.65
OAC WY1 D . -10.72 16.79 1.23
OAD WY1 D . -12.38 16.19 2.69
CAB WY1 E . -14.45 26.60 -6.98
CAR WY1 E . -13.31 26.94 -8.00
CAP WY1 E . -12.19 27.63 -7.58
CAA WY1 E . -12.02 28.07 -6.16
CAG WY1 E . -11.18 27.93 -8.49
CAF WY1 E . -11.30 27.55 -9.82
CAH WY1 E . -12.42 26.84 -10.24
CAT WY1 E . -13.43 26.54 -9.34
NAM WY1 E . -14.59 25.81 -9.83
C4 WY1 E . -14.57 24.29 -9.87
N3 WY1 E . -15.72 23.63 -10.17
C5 WY1 E . -13.41 23.58 -9.61
C6 WY1 E . -13.48 22.18 -9.68
CL6 WY1 E . -12.07 21.20 -9.38
N1 WY1 E . -14.65 21.59 -9.99
C2 WY1 E . -15.77 22.31 -10.23
SAN WY1 E . -17.33 21.48 -10.62
CAJ WY1 E . -16.99 19.72 -10.85
CAO WY1 E . -18.05 18.74 -11.13
OAC WY1 E . -18.93 18.98 -12.05
OAD WY1 E . -18.08 17.58 -10.45
CAB WY1 F . 4.78 -22.19 0.64
CAR WY1 F . 4.78 -23.68 1.14
CAP WY1 F . 5.77 -24.59 0.76
CAA WY1 F . 6.89 -24.24 -0.16
CAG WY1 F . 5.74 -25.90 1.21
CAF WY1 F . 4.72 -26.30 2.07
CAH WY1 F . 3.73 -25.40 2.46
CAT WY1 F . 3.76 -24.10 2.00
NAM WY1 F . 2.72 -23.21 2.44
C4 WY1 F . 1.30 -23.72 2.52
N3 WY1 F . 0.52 -23.44 3.58
C5 WY1 F . 0.78 -24.47 1.49
C6 WY1 F . -0.52 -24.92 1.59
CL6 WY1 F . -1.20 -25.88 0.30
N1 WY1 F . -1.25 -24.61 2.66
C2 WY1 F . -0.72 -23.88 3.64
SAN WY1 F . -1.77 -23.50 5.06
CAJ WY1 F . -1.19 -22.05 5.93
CAO WY1 F . -1.08 -20.80 5.16
OAC WY1 F . -0.01 -20.13 5.18
OAD WY1 F . -2.11 -20.39 4.39
C1 EDO G . 13.18 -38.37 -1.71
O1 EDO G . 12.84 -37.25 -2.54
C2 EDO G . 12.22 -39.50 -2.04
O2 EDO G . 12.26 -39.68 -3.46
CAB WY1 H . 5.92 -30.08 11.18
CAR WY1 H . 7.41 -29.73 10.85
CAP WY1 H . 7.96 -30.00 9.60
CAA WY1 H . 7.16 -30.63 8.52
CAG WY1 H . 9.29 -29.68 9.33
CAF WY1 H . 10.09 -29.08 10.30
CAH WY1 H . 9.54 -28.81 11.55
CAT WY1 H . 8.21 -29.12 11.83
NAM WY1 H . 7.69 -28.83 13.16
C4 WY1 H . 7.16 -27.45 13.51
N3 WY1 H . 6.44 -27.22 14.63
C5 WY1 H . 7.44 -26.41 12.64
C6 WY1 H . 6.97 -25.15 12.94
CL6 WY1 H . 7.31 -23.81 11.86
N1 WY1 H . 6.26 -24.98 14.07
C2 WY1 H . 6.01 -26.00 14.90
SAN WY1 H . 5.04 -25.65 16.38
CAJ WY1 H . 5.41 -24.04 17.06
CAO WY1 H . 4.46 -23.43 17.98
OAC WY1 H . 3.67 -24.16 18.69
OAD WY1 H . 4.41 -22.10 18.09
#